data_3NNR
#
_entry.id   3NNR
#
_cell.length_a   58.745
_cell.length_b   58.745
_cell.length_c   172.650
_cell.angle_alpha   90.000
_cell.angle_beta   90.000
_cell.angle_gamma   90.000
#
_symmetry.space_group_name_H-M   'P 43 21 2'
#
loop_
_entity.id
_entity.type
_entity.pdbx_description
1 polymer 'Transcriptional regulator, TetR family'
2 non-polymer 'UNKNOWN LIGAND'
3 non-polymer 'SULFATE ION'
4 water water
#
_entity_poly.entity_id   1
_entity_poly.type   'polypeptide(L)'
_entity_poly.pdbx_seq_one_letter_code
;G(MSE)T(MSE)KTRDKILLSSLELFNDKGERNITTNHIAAHLAISPGNLYYHFRNKSDIIYEIFQEYEKLVDYYLDIPE
DRPITLED(MSE)TFYLESVFDGLWSYRFFHRDLEYLLDSDPRLRQDYREFTNRCLAAINRIFAKLADAGIIQPQPEDLR
SA(MSE)SLNVWLVITNW(MSE)AFLKTAHAAEEPASLSLTELKQGIYQVLTLEVPYLTPEYRERVLALREKYRPTLPEA
QGISGVEA
;
_entity_poly.pdbx_strand_id   A
#
# COMPACT_ATOMS: atom_id res chain seq x y z
N LYS A 5 -11.76 20.05 -10.89
CA LYS A 5 -11.26 20.43 -12.24
CA LYS A 5 -11.16 20.39 -12.21
C LYS A 5 -11.26 19.18 -13.14
N THR A 6 -11.49 19.41 -14.44
CA THR A 6 -11.54 18.35 -15.48
C THR A 6 -10.41 17.31 -15.33
N ARG A 7 -9.20 17.80 -15.08
CA ARG A 7 -8.00 17.00 -14.85
C ARG A 7 -8.16 16.03 -13.67
N ASP A 8 -8.69 16.54 -12.56
CA ASP A 8 -8.87 15.72 -11.35
C ASP A 8 -9.92 14.62 -11.58
N LYS A 9 -10.96 14.91 -12.36
CA LYS A 9 -11.95 13.93 -12.76
C LYS A 9 -11.24 12.83 -13.57
N ILE A 10 -10.40 13.25 -14.53
CA ILE A 10 -9.68 12.29 -15.34
C ILE A 10 -8.89 11.31 -14.48
N LEU A 11 -8.16 11.81 -13.47
CA LEU A 11 -7.38 10.94 -12.57
C LEU A 11 -8.31 10.06 -11.73
N LEU A 12 -9.40 10.63 -11.22
CA LEU A 12 -10.36 9.89 -10.38
C LEU A 12 -11.06 8.76 -11.17
N SER A 13 -11.56 9.11 -12.35
CA SER A 13 -12.24 8.16 -13.22
C SER A 13 -11.31 7.09 -13.78
N SER A 14 -10.09 7.47 -14.15
CA SER A 14 -9.12 6.48 -14.64
C SER A 14 -8.84 5.44 -13.57
N LEU A 15 -8.62 5.89 -12.33
CA LEU A 15 -8.42 4.97 -11.19
C LEU A 15 -9.60 3.97 -11.03
N GLU A 16 -10.83 4.47 -11.16
CA GLU A 16 -12.07 3.66 -11.04
CA GLU A 16 -12.03 3.64 -11.00
C GLU A 16 -12.14 2.59 -12.12
N LEU A 17 -11.88 3.01 -13.37
CA LEU A 17 -11.91 2.10 -14.53
C LEU A 17 -10.75 1.09 -14.43
N PHE A 18 -9.54 1.53 -14.08
CA PHE A 18 -8.42 0.61 -13.90
C PHE A 18 -8.70 -0.44 -12.81
N ASN A 19 -9.19 -0.02 -11.64
CA ASN A 19 -9.51 -0.92 -10.52
C ASN A 19 -10.63 -1.92 -10.87
N ASP A 20 -11.64 -1.44 -11.56
CA ASP A 20 -12.81 -2.23 -11.89
C ASP A 20 -12.60 -3.16 -13.10
N LYS A 21 -12.07 -2.64 -14.20
CA LYS A 21 -11.87 -3.43 -15.45
C LYS A 21 -10.44 -3.94 -15.70
N GLY A 22 -9.44 -3.39 -15.03
CA GLY A 22 -8.03 -3.76 -15.24
C GLY A 22 -7.40 -2.73 -16.16
N GLU A 23 -6.22 -2.23 -15.83
CA GLU A 23 -5.59 -1.24 -16.71
C GLU A 23 -5.33 -1.80 -18.13
N ARG A 24 -5.01 -3.08 -18.20
CA ARG A 24 -4.83 -3.85 -19.44
C ARG A 24 -5.92 -3.48 -20.46
N ASN A 25 -7.17 -3.48 -19.98
CA ASN A 25 -8.36 -3.30 -20.81
C ASN A 25 -8.90 -1.89 -20.92
N ILE A 26 -8.22 -0.90 -20.36
CA ILE A 26 -8.70 0.47 -20.42
C ILE A 26 -7.73 1.31 -21.24
N THR A 27 -8.28 2.01 -22.23
CA THR A 27 -7.55 2.94 -23.13
C THR A 27 -7.99 4.37 -22.84
N THR A 28 -7.21 5.31 -23.33
CA THR A 28 -7.56 6.72 -23.20
C THR A 28 -8.93 7.03 -23.83
N ASN A 29 -9.29 6.37 -24.93
CA ASN A 29 -10.62 6.56 -25.55
C ASN A 29 -11.75 6.15 -24.64
N HIS A 30 -11.57 5.06 -23.88
CA HIS A 30 -12.57 4.62 -22.90
C HIS A 30 -12.73 5.68 -21.82
N ILE A 31 -11.61 6.23 -21.35
CA ILE A 31 -11.63 7.21 -20.28
C ILE A 31 -12.36 8.50 -20.77
N ALA A 32 -12.01 8.96 -21.96
CA ALA A 32 -12.71 10.11 -22.57
C ALA A 32 -14.22 9.84 -22.69
N ALA A 33 -14.58 8.65 -23.18
CA ALA A 33 -15.99 8.27 -23.35
C ALA A 33 -16.77 8.28 -22.02
N HIS A 34 -16.15 7.71 -20.97
CA HIS A 34 -16.74 7.63 -19.61
C HIS A 34 -17.02 9.03 -19.09
N LEU A 35 -16.01 9.90 -19.21
CA LEU A 35 -16.13 11.30 -18.79
C LEU A 35 -16.89 12.24 -19.73
N ALA A 36 -17.32 11.77 -20.91
CA ALA A 36 -18.05 12.62 -21.89
C ALA A 36 -17.25 13.88 -22.33
N ILE A 37 -15.92 13.71 -22.48
CA ILE A 37 -15.00 14.73 -22.96
C ILE A 37 -14.37 14.15 -24.23
N SER A 38 -14.03 15.00 -25.19
CA SER A 38 -13.44 14.50 -26.43
C SER A 38 -12.06 13.88 -26.18
N PRO A 39 -11.57 13.04 -27.11
CA PRO A 39 -10.19 12.54 -27.01
C PRO A 39 -9.18 13.70 -26.92
N GLY A 40 -9.39 14.72 -27.74
CA GLY A 40 -8.57 15.92 -27.70
C GLY A 40 -8.54 16.63 -26.35
N ASN A 41 -9.67 16.64 -25.64
CA ASN A 41 -9.77 17.27 -24.32
C ASN A 41 -8.89 16.50 -23.34
N LEU A 42 -8.94 15.18 -23.39
CA LEU A 42 -8.11 14.31 -22.55
C LEU A 42 -6.63 14.49 -22.90
N TYR A 43 -6.31 14.56 -24.20
CA TYR A 43 -4.95 14.75 -24.64
C TYR A 43 -4.31 16.05 -24.09
N TYR A 44 -5.08 17.12 -23.93
CA TYR A 44 -4.60 18.40 -23.38
C TYR A 44 -3.98 18.24 -21.99
N HIS A 45 -4.67 17.43 -21.18
CA HIS A 45 -4.29 17.14 -19.81
C HIS A 45 -3.24 16.02 -19.76
N PHE A 46 -3.38 14.98 -20.60
CA PHE A 46 -2.47 13.81 -20.60
C PHE A 46 -2.15 13.25 -21.97
N ARG A 47 -0.89 13.36 -22.38
CA ARG A 47 -0.37 12.86 -23.68
C ARG A 47 -0.59 11.37 -23.93
N ASN A 48 -0.67 10.56 -22.88
CA ASN A 48 -0.89 9.09 -23.02
C ASN A 48 -1.28 8.44 -21.69
N LYS A 49 -1.70 7.17 -21.73
CA LYS A 49 -2.11 6.43 -20.53
C LYS A 49 -1.01 6.33 -19.46
N SER A 50 0.26 6.21 -19.86
CA SER A 50 1.38 6.13 -18.87
C SER A 50 1.49 7.35 -17.98
N ASP A 51 1.16 8.51 -18.54
CA ASP A 51 1.19 9.77 -17.79
C ASP A 51 0.08 9.80 -16.77
N ILE A 52 -1.07 9.21 -17.11
CA ILE A 52 -2.19 9.11 -16.18
C ILE A 52 -1.73 8.24 -15.01
N ILE A 53 -1.22 7.05 -15.35
CA ILE A 53 -0.80 6.07 -14.35
C ILE A 53 0.28 6.64 -13.41
N TYR A 54 1.27 7.36 -13.97
CA TYR A 54 2.36 7.91 -13.16
C TYR A 54 1.83 8.87 -12.11
N GLU A 55 0.94 9.77 -12.54
CA GLU A 55 0.36 10.74 -11.61
C GLU A 55 -0.54 10.08 -10.56
N ILE A 56 -1.30 9.06 -10.93
CA ILE A 56 -2.06 8.30 -9.95
C ILE A 56 -1.10 7.69 -8.91
N PHE A 57 -0.02 7.06 -9.39
CA PHE A 57 0.99 6.51 -8.48
C PHE A 57 1.57 7.58 -7.54
N GLN A 58 1.90 8.75 -8.09
CA GLN A 58 2.40 9.85 -7.28
C GLN A 58 1.45 10.26 -6.15
N GLU A 59 0.14 10.10 -6.35
CA GLU A 59 -0.86 10.38 -5.29
C GLU A 59 -0.82 9.27 -4.23
N TYR A 60 -0.67 8.01 -4.66
CA TYR A 60 -0.58 6.83 -3.76
C TYR A 60 0.69 6.95 -2.92
N GLU A 61 1.80 7.23 -3.59
CA GLU A 61 3.11 7.46 -2.96
C GLU A 61 3.01 8.53 -1.86
N LYS A 62 2.41 9.68 -2.18
CA LYS A 62 2.21 10.77 -1.18
C LYS A 62 1.38 10.31 0.00
N LEU A 63 0.36 9.50 -0.27
CA LEU A 63 -0.56 9.03 0.75
C LEU A 63 0.14 8.09 1.73
N VAL A 64 0.83 7.09 1.19
CA VAL A 64 1.53 6.10 2.01
C VAL A 64 2.67 6.74 2.82
N ASP A 65 3.44 7.63 2.19
CA ASP A 65 4.48 8.41 2.89
C ASP A 65 3.92 9.21 4.07
N TYR A 66 2.72 9.77 3.89
CA TYR A 66 2.03 10.55 4.93
C TYR A 66 1.62 9.58 6.05
N TYR A 67 1.03 8.43 5.72
CA TYR A 67 0.68 7.46 6.76
C TYR A 67 1.91 6.90 7.49
N LEU A 68 2.99 6.61 6.75
CA LEU A 68 4.23 6.03 7.30
C LEU A 68 5.33 7.05 7.67
N ASP A 69 4.91 8.25 8.08
CA ASP A 69 5.79 9.29 8.57
C ASP A 69 5.66 9.02 10.05
N ILE A 70 6.66 8.29 10.56
CA ILE A 70 6.69 7.84 11.95
C ILE A 70 7.07 8.99 12.89
N PRO A 71 6.25 9.25 13.91
CA PRO A 71 6.63 10.26 14.89
C PRO A 71 7.82 9.77 15.73
N GLU A 72 8.81 10.65 15.88
CA GLU A 72 10.04 10.36 16.63
C GLU A 72 10.03 10.93 18.06
N ASP A 73 9.13 11.88 18.35
CA ASP A 73 9.04 12.52 19.68
C ASP A 73 8.18 11.78 20.75
N ARG A 74 7.73 10.55 20.49
CA ARG A 74 6.92 9.76 21.45
CA ARG A 74 6.96 9.75 21.49
C ARG A 74 7.11 8.26 21.20
N PRO A 75 6.75 7.38 22.17
CA PRO A 75 6.90 5.95 21.88
C PRO A 75 5.74 5.42 21.04
N ILE A 76 6.00 4.36 20.28
CA ILE A 76 4.98 3.73 19.42
C ILE A 76 4.00 2.96 20.30
N THR A 77 2.69 3.14 20.08
CA THR A 77 1.66 2.37 20.79
C THR A 77 1.05 1.28 19.88
N LEU A 78 0.23 0.40 20.47
CA LEU A 78 -0.52 -0.62 19.72
C LEU A 78 -1.57 -0.03 18.75
N GLU A 79 -2.12 1.12 19.13
CA GLU A 79 -3.12 1.86 18.34
C GLU A 79 -2.42 2.38 17.06
N ASP A 80 -1.17 2.86 17.22
CA ASP A 80 -0.35 3.26 16.06
C ASP A 80 -0.08 2.08 15.13
N THR A 82 -1.91 -0.66 14.67
CA THR A 82 -3.14 -0.99 13.95
C THR A 82 -3.45 0.05 12.88
N PHE A 83 -3.16 1.32 13.16
CA PHE A 83 -3.36 2.37 12.17
C PHE A 83 -2.41 2.14 10.96
N TYR A 84 -1.11 1.97 11.21
CA TYR A 84 -0.17 1.73 10.12
C TYR A 84 -0.62 0.56 9.23
N LEU A 85 -1.07 -0.53 9.87
CA LEU A 85 -1.50 -1.73 9.15
C LEU A 85 -2.80 -1.48 8.40
N GLU A 86 -3.84 -1.03 9.07
CA GLU A 86 -5.13 -0.76 8.41
C GLU A 86 -5.06 0.22 7.23
N SER A 87 -4.32 1.30 7.42
CA SER A 87 -4.21 2.37 6.44
C SER A 87 -3.50 1.93 5.18
N VAL A 88 -2.44 1.15 5.34
CA VAL A 88 -1.71 0.56 4.22
C VAL A 88 -2.64 -0.45 3.50
N PHE A 89 -3.36 -1.30 4.24
CA PHE A 89 -4.32 -2.23 3.59
C PHE A 89 -5.41 -1.48 2.83
N ASP A 90 -5.95 -0.42 3.41
CA ASP A 90 -6.94 0.43 2.70
C ASP A 90 -6.33 1.02 1.44
N GLY A 91 -5.06 1.43 1.49
CA GLY A 91 -4.36 1.95 0.31
C GLY A 91 -4.28 0.93 -0.80
N LEU A 92 -3.80 -0.26 -0.45
CA LEU A 92 -3.70 -1.37 -1.37
C LEU A 92 -5.06 -1.73 -2.04
N TRP A 93 -6.16 -1.56 -1.32
CA TRP A 93 -7.49 -1.76 -1.93
C TRP A 93 -7.79 -0.63 -2.88
N SER A 94 -7.60 0.61 -2.41
CA SER A 94 -8.01 1.80 -3.20
C SER A 94 -7.22 1.94 -4.52
N TYR A 95 -6.01 1.40 -4.56
CA TYR A 95 -5.15 1.46 -5.72
C TYR A 95 -4.85 0.04 -6.20
N ARG A 96 -5.82 -0.87 -6.04
CA ARG A 96 -5.63 -2.29 -6.37
C ARG A 96 -5.15 -2.56 -7.79
N PHE A 97 -5.47 -1.69 -8.74
CA PHE A 97 -5.04 -1.83 -10.16
C PHE A 97 -3.51 -1.87 -10.32
N PHE A 98 -2.82 -1.15 -9.45
CA PHE A 98 -1.37 -0.99 -9.54
C PHE A 98 -0.61 -2.30 -9.33
N HIS A 99 -0.81 -2.93 -8.18
CA HIS A 99 -0.11 -4.20 -7.86
C HIS A 99 -0.49 -5.38 -8.76
N ARG A 100 -1.66 -5.28 -9.37
CA ARG A 100 -2.19 -6.31 -10.26
C ARG A 100 -1.40 -6.39 -11.57
N ASP A 101 -1.08 -5.23 -12.15
CA ASP A 101 -0.35 -5.14 -13.40
C ASP A 101 1.05 -4.56 -13.16
N LEU A 102 1.57 -4.77 -11.96
CA LEU A 102 2.79 -4.09 -11.55
C LEU A 102 3.92 -4.19 -12.56
N GLU A 103 4.23 -5.42 -12.96
CA GLU A 103 5.38 -5.67 -13.78
C GLU A 103 5.30 -5.05 -15.18
N TYR A 104 4.11 -4.98 -15.75
CA TYR A 104 3.98 -4.29 -17.05
C TYR A 104 4.09 -2.78 -16.88
N LEU A 105 3.59 -2.26 -15.76
CA LEU A 105 3.63 -0.82 -15.49
C LEU A 105 5.10 -0.36 -15.29
N LEU A 106 5.90 -1.11 -14.52
CA LEU A 106 7.32 -0.79 -14.38
C LEU A 106 8.06 -0.84 -15.73
N ASP A 107 7.81 -1.87 -16.52
CA ASP A 107 8.40 -2.01 -17.85
C ASP A 107 7.96 -0.90 -18.82
N SER A 108 6.71 -0.44 -18.70
CA SER A 108 6.24 0.64 -19.58
C SER A 108 6.87 2.01 -19.29
N ASP A 109 7.28 2.23 -18.03
CA ASP A 109 7.73 3.53 -17.60
C ASP A 109 8.95 3.53 -16.68
N PRO A 110 10.09 3.96 -17.21
CA PRO A 110 11.31 4.07 -16.38
C PRO A 110 11.21 5.00 -15.19
N ARG A 111 10.37 6.03 -15.28
CA ARG A 111 10.17 6.99 -14.19
C ARG A 111 9.47 6.28 -13.06
N LEU A 112 8.44 5.51 -13.42
CA LEU A 112 7.65 4.75 -12.45
C LEU A 112 8.49 3.66 -11.79
N ARG A 113 9.28 2.98 -12.58
CA ARG A 113 10.20 1.94 -12.11
C ARG A 113 11.18 2.53 -11.09
N GLN A 114 11.79 3.65 -11.46
CA GLN A 114 12.75 4.34 -10.58
C GLN A 114 12.05 4.73 -9.26
N ASP A 115 10.99 5.54 -9.35
CA ASP A 115 10.24 5.99 -8.16
C ASP A 115 9.73 4.82 -7.28
N TYR A 116 9.17 3.77 -7.89
CA TYR A 116 8.67 2.60 -7.14
C TYR A 116 9.77 1.87 -6.35
N ARG A 117 10.93 1.69 -6.96
CA ARG A 117 12.11 1.09 -6.28
C ARG A 117 12.40 1.93 -5.03
N GLU A 118 12.47 3.24 -5.18
CA GLU A 118 12.80 4.16 -4.07
C GLU A 118 11.74 4.21 -2.98
N PHE A 119 10.48 4.15 -3.41
CA PHE A 119 9.32 4.11 -2.54
C PHE A 119 9.32 2.83 -1.69
N THR A 120 9.62 1.71 -2.34
CA THR A 120 9.73 0.41 -1.68
C THR A 120 10.81 0.46 -0.56
N ASN A 121 11.95 1.10 -0.83
CA ASN A 121 12.99 1.28 0.22
C ASN A 121 12.53 2.16 1.39
N ARG A 122 11.76 3.21 1.12
CA ARG A 122 11.17 4.07 2.15
C ARG A 122 10.19 3.25 3.01
N CYS A 123 9.33 2.49 2.35
CA CYS A 123 8.36 1.66 3.04
C CYS A 123 9.06 0.62 3.93
N LEU A 124 10.05 -0.07 3.37
CA LEU A 124 10.87 -1.04 4.11
C LEU A 124 11.60 -0.38 5.29
N ALA A 125 12.12 0.83 5.06
CA ALA A 125 12.79 1.60 6.10
C ALA A 125 11.81 2.06 7.20
N ALA A 126 10.51 2.18 6.87
CA ALA A 126 9.49 2.52 7.86
C ALA A 126 9.13 1.25 8.66
N ILE A 127 9.13 0.09 8.00
CA ILE A 127 8.86 -1.19 8.69
C ILE A 127 9.98 -1.47 9.69
N ASN A 128 11.24 -1.28 9.28
CA ASN A 128 12.39 -1.42 10.19
C ASN A 128 12.20 -0.53 11.39
N ARG A 129 11.87 0.73 11.08
CA ARG A 129 11.74 1.74 12.10
C ARG A 129 10.59 1.44 13.08
N ILE A 130 9.48 0.90 12.59
CA ILE A 130 8.34 0.50 13.45
C ILE A 130 8.78 -0.60 14.42
N PHE A 131 9.43 -1.63 13.91
CA PHE A 131 9.96 -2.67 14.77
C PHE A 131 10.97 -2.12 15.76
N ALA A 132 11.86 -1.23 15.30
CA ALA A 132 12.86 -0.61 16.16
C ALA A 132 12.16 0.07 17.33
N LYS A 133 11.07 0.82 17.04
CA LYS A 133 10.28 1.48 18.08
C LYS A 133 9.48 0.51 18.96
N LEU A 134 8.95 -0.58 18.38
CA LEU A 134 8.23 -1.60 19.16
C LEU A 134 9.17 -2.27 20.19
N ALA A 135 10.44 -2.41 19.81
CA ALA A 135 11.49 -2.92 20.70
C ALA A 135 11.67 -1.92 21.85
N ASP A 136 11.87 -0.65 21.50
CA ASP A 136 12.06 0.45 22.49
C ASP A 136 10.90 0.59 23.47
N ALA A 137 9.68 0.40 22.98
CA ALA A 137 8.47 0.44 23.82
C ALA A 137 8.24 -0.83 24.68
N GLY A 138 9.02 -1.90 24.44
CA GLY A 138 8.90 -3.16 25.18
C GLY A 138 7.79 -4.09 24.70
N ILE A 139 7.35 -3.90 23.46
CA ILE A 139 6.26 -4.68 22.86
C ILE A 139 6.81 -5.97 22.24
N ILE A 140 7.89 -5.88 21.47
CA ILE A 140 8.57 -7.06 20.94
C ILE A 140 9.98 -7.10 21.53
N GLN A 141 10.63 -8.24 21.37
CA GLN A 141 12.01 -8.44 21.82
C GLN A 141 12.94 -7.79 20.78
N PRO A 142 13.99 -7.07 21.23
CA PRO A 142 14.87 -6.41 20.26
C PRO A 142 15.63 -7.46 19.46
N GLN A 143 15.78 -7.25 18.15
CA GLN A 143 16.45 -8.23 17.28
C GLN A 143 17.67 -7.67 16.53
N PRO A 144 18.65 -8.55 16.17
CA PRO A 144 19.84 -8.10 15.40
C PRO A 144 19.50 -7.38 14.11
N GLU A 145 20.40 -6.55 13.60
CA GLU A 145 20.12 -5.75 12.39
C GLU A 145 19.70 -6.62 11.17
N ASP A 146 20.33 -7.79 11.01
CA ASP A 146 20.06 -8.70 9.88
C ASP A 146 18.73 -9.44 9.97
N LEU A 147 18.43 -10.01 11.13
CA LEU A 147 17.15 -10.71 11.34
C LEU A 147 15.94 -9.76 11.26
N ARG A 148 16.13 -8.47 11.60
CA ARG A 148 15.08 -7.46 11.52
C ARG A 148 14.85 -6.99 10.07
N SER A 149 15.92 -6.85 9.27
CA SER A 149 15.80 -6.52 7.83
C SER A 149 15.06 -7.62 7.09
N ALA A 150 15.40 -8.87 7.43
CA ALA A 150 14.75 -10.05 6.88
C ALA A 150 13.26 -10.05 7.28
N SER A 152 11.38 -7.60 8.15
CA SER A 152 10.73 -6.45 7.54
C SER A 152 10.32 -6.74 6.11
N LEU A 153 11.22 -7.36 5.38
CA LEU A 153 10.92 -7.79 4.02
C LEU A 153 9.72 -8.78 4.00
N ASN A 154 9.68 -9.73 4.95
CA ASN A 154 8.55 -10.69 5.04
C ASN A 154 7.21 -9.98 5.26
N VAL A 155 7.19 -8.93 6.08
CA VAL A 155 5.99 -8.10 6.27
C VAL A 155 5.56 -7.53 4.92
N TRP A 156 6.50 -6.95 4.18
CA TRP A 156 6.21 -6.36 2.88
C TRP A 156 5.67 -7.42 1.94
N LEU A 157 6.35 -8.57 1.89
CA LEU A 157 5.98 -9.68 1.01
C LEU A 157 4.54 -10.18 1.29
N VAL A 158 4.20 -10.26 2.57
CA VAL A 158 2.86 -10.71 2.98
C VAL A 158 1.81 -9.67 2.68
N ILE A 159 2.05 -8.42 3.02
CA ILE A 159 1.06 -7.36 2.83
C ILE A 159 0.72 -7.14 1.36
N THR A 160 1.74 -6.98 0.54
CA THR A 160 1.55 -6.68 -0.87
C THR A 160 1.05 -7.84 -1.71
N ASN A 161 1.06 -9.07 -1.19
CA ASN A 161 0.52 -10.22 -1.89
C ASN A 161 -0.82 -10.73 -1.33
N TRP A 162 -1.44 -10.00 -0.40
CA TRP A 162 -2.68 -10.48 0.23
C TRP A 162 -3.88 -10.41 -0.72
N ALA A 164 -3.92 -10.42 -4.00
CA ALA A 164 -3.66 -11.51 -4.97
C ALA A 164 -4.03 -12.90 -4.47
N PHE A 165 -3.78 -13.18 -3.19
CA PHE A 165 -4.19 -14.48 -2.58
C PHE A 165 -5.71 -14.63 -2.48
N LEU A 166 -6.39 -13.54 -2.11
CA LEU A 166 -7.84 -13.53 -1.96
C LEU A 166 -8.54 -13.85 -3.28
N LYS A 167 -8.09 -13.28 -4.41
CA LYS A 167 -8.69 -13.64 -5.72
C LYS A 167 -8.64 -15.18 -6.06
N THR A 168 -7.61 -15.88 -5.58
CA THR A 168 -7.39 -17.33 -5.81
C THR A 168 -7.98 -18.30 -4.74
N ALA A 169 -8.30 -17.77 -3.56
CA ALA A 169 -8.90 -18.55 -2.44
C ALA A 169 -10.41 -18.38 -2.27
N HIS A 170 -10.92 -17.21 -2.67
CA HIS A 170 -12.34 -16.79 -2.50
C HIS A 170 -12.63 -16.55 -1.00
N LEU A 180 -13.81 -5.60 0.10
CA LEU A 180 -13.45 -4.32 0.72
C LEU A 180 -13.02 -4.55 2.22
N THR A 181 -13.98 -4.88 3.12
CA THR A 181 -13.72 -5.22 4.57
C THR A 181 -13.40 -6.72 4.77
N GLU A 182 -13.66 -7.51 3.73
CA GLU A 182 -13.17 -8.89 3.55
C GLU A 182 -11.55 -8.86 3.52
N LEU A 183 -11.00 -7.75 2.97
CA LEU A 183 -9.54 -7.52 2.75
C LEU A 183 -8.61 -7.30 3.94
N LYS A 184 -9.09 -6.73 5.03
CA LYS A 184 -8.21 -6.39 6.16
C LYS A 184 -7.78 -7.58 7.04
N GLN A 185 -8.39 -8.75 6.85
CA GLN A 185 -8.03 -9.98 7.60
C GLN A 185 -6.55 -10.52 7.34
N GLY A 186 -5.82 -9.86 6.44
CA GLY A 186 -4.38 -10.05 6.21
C GLY A 186 -3.50 -9.51 7.35
N ILE A 187 -4.09 -8.68 8.21
CA ILE A 187 -3.43 -8.19 9.43
C ILE A 187 -3.09 -9.39 10.35
N TYR A 188 -4.01 -10.36 10.44
CA TYR A 188 -3.81 -11.59 11.19
C TYR A 188 -2.51 -12.28 10.75
N GLN A 189 -2.31 -12.34 9.44
CA GLN A 189 -1.10 -12.95 8.85
C GLN A 189 0.19 -12.17 9.14
N VAL A 190 0.12 -10.83 9.11
CA VAL A 190 1.26 -9.99 9.45
C VAL A 190 1.63 -10.12 10.94
N LEU A 191 0.61 -10.11 11.80
CA LEU A 191 0.84 -10.23 13.24
C LEU A 191 1.36 -11.63 13.61
N THR A 192 1.03 -12.64 12.80
CA THR A 192 1.56 -13.98 12.97
C THR A 192 3.08 -13.98 12.84
N LEU A 193 3.65 -13.08 12.04
CA LEU A 193 5.10 -12.98 11.91
C LEU A 193 5.78 -12.60 13.23
N GLU A 194 5.14 -11.74 14.03
CA GLU A 194 5.72 -11.28 15.30
C GLU A 194 5.20 -11.99 16.57
N VAL A 195 4.34 -13.01 16.43
CA VAL A 195 3.85 -13.82 17.57
C VAL A 195 4.94 -14.37 18.53
N PRO A 196 5.96 -15.10 18.02
CA PRO A 196 6.99 -15.63 18.94
C PRO A 196 7.96 -14.60 19.55
N TYR A 197 8.05 -13.38 18.97
CA TYR A 197 8.91 -12.31 19.51
C TYR A 197 8.21 -11.39 20.53
N LEU A 198 6.94 -11.63 20.84
CA LEU A 198 6.22 -10.81 21.82
C LEU A 198 6.81 -11.00 23.21
N THR A 199 7.02 -9.88 23.92
CA THR A 199 7.53 -9.87 25.31
C THR A 199 6.43 -10.32 26.28
N PRO A 200 6.84 -10.74 27.51
CA PRO A 200 5.82 -11.11 28.51
C PRO A 200 4.77 -10.01 28.78
N GLU A 201 5.19 -8.74 28.92
CA GLU A 201 4.28 -7.59 29.13
C GLU A 201 3.06 -7.52 28.18
N TYR A 202 3.33 -7.70 26.88
CA TYR A 202 2.34 -7.50 25.81
C TYR A 202 1.76 -8.74 25.11
N ARG A 203 2.31 -9.95 25.34
CA ARG A 203 1.83 -11.19 24.68
C ARG A 203 0.28 -11.30 24.73
N GLU A 204 -0.31 -11.06 25.92
CA GLU A 204 -1.77 -11.13 26.17
C GLU A 204 -2.61 -10.26 25.21
N ARG A 205 -2.26 -8.97 25.14
CA ARG A 205 -2.99 -7.98 24.30
C ARG A 205 -2.76 -8.11 22.79
N VAL A 206 -1.50 -8.25 22.37
CA VAL A 206 -1.18 -8.36 20.93
C VAL A 206 -1.86 -9.61 20.32
N LEU A 207 -1.85 -10.75 21.03
CA LEU A 207 -2.62 -11.94 20.59
C LEU A 207 -4.13 -11.67 20.58
N ALA A 208 -4.61 -10.95 21.60
CA ALA A 208 -6.04 -10.57 21.74
C ALA A 208 -6.49 -9.70 20.58
N LEU A 209 -5.61 -8.75 20.22
CA LEU A 209 -5.79 -7.85 19.09
C LEU A 209 -5.77 -8.63 17.77
N ARG A 210 -4.79 -9.53 17.63
CA ARG A 210 -4.63 -10.39 16.45
C ARG A 210 -5.92 -11.17 16.16
N GLU A 211 -6.47 -11.79 17.20
CA GLU A 211 -7.75 -12.53 17.10
C GLU A 211 -8.93 -11.73 16.55
N LYS A 212 -9.01 -10.43 16.88
CA LYS A 212 -10.08 -9.58 16.32
C LYS A 212 -10.04 -9.49 14.79
N TYR A 213 -8.92 -9.85 14.14
CA TYR A 213 -8.81 -9.85 12.65
C TYR A 213 -8.90 -11.23 11.94
N ARG A 214 -9.41 -12.28 12.59
CA ARG A 214 -9.42 -13.66 12.05
C ARG A 214 -10.46 -14.11 10.96
N PRO A 215 -9.97 -14.54 9.73
CA PRO A 215 -10.87 -15.13 8.72
C PRO A 215 -10.92 -16.67 8.88
#